data_9OHR
#
_entry.id   9OHR
#
_cell.length_a   44.463
_cell.length_b   45.270
_cell.length_c   65.493
_cell.angle_alpha   99.92
_cell.angle_beta   90.58
_cell.angle_gamma   104.38
#
_symmetry.space_group_name_H-M   'P 1'
#
loop_
_entity.id
_entity.type
_entity.pdbx_description
1 polymer 'Protein cereblon'
2 polymer 'Zinc finger protein Helios'
3 non-polymer (3S)-3-[(5M)-5-{1-(oxetan-3-yl)-4-[(pyrrolidin-1-yl)methyl]-1H-pyrrolo[2,3-b]pyridin-6-yl}-1-oxo-1,3-dihydro-2H-isoindol-2-yl]piperidine-2,6-dione
4 non-polymer 'ZINC ION'
5 water water
#
loop_
_entity_poly.entity_id
_entity_poly.type
_entity_poly.pdbx_seq_one_letter_code
_entity_poly.pdbx_strand_id
1 'polypeptide(L)'
;GPSTSLSCKQCQETEITTKNEIFSLSLSGPMAAYVNPHGYVHETLTVYKASNLNLIGRPSTEHSWFPGYAWTVAQCKICA
SHIGWKFTATKKDMSPQKFWGLTRSALLPTI
;
A,C,E,G
2 'polypeptide(L)' GGERPFHCNQCGASFTQKGNLLRHIKLHSG B,D,F,H
#
# COMPACT_ATOMS: atom_id res chain seq x y z
N PRO A 2 18.41 -4.00 -10.53
CA PRO A 2 18.04 -5.44 -10.62
C PRO A 2 18.42 -6.13 -9.31
N SER A 3 17.67 -5.89 -8.22
CA SER A 3 17.96 -6.54 -6.96
C SER A 3 16.72 -6.63 -6.09
N THR A 4 16.70 -7.62 -5.22
CA THR A 4 15.56 -7.83 -4.34
C THR A 4 15.87 -7.33 -2.93
N SER A 5 17.06 -6.73 -2.73
CA SER A 5 17.65 -6.65 -1.41
C SER A 5 17.54 -5.24 -0.83
N LEU A 6 17.59 -5.14 0.50
CA LEU A 6 17.63 -3.84 1.15
C LEU A 6 18.93 -3.77 1.93
N SER A 7 19.76 -2.77 1.61
CA SER A 7 21.12 -2.72 2.13
C SER A 7 21.27 -1.53 3.04
N CYS A 8 22.35 -1.53 3.83
CA CYS A 8 22.73 -0.41 4.67
C CYS A 8 23.06 0.82 3.82
N LYS A 9 22.15 1.78 3.83
CA LYS A 9 22.35 3.04 3.15
C LYS A 9 23.76 3.56 3.41
N GLN A 10 24.25 3.45 4.65
CA GLN A 10 25.45 4.20 5.04
C GLN A 10 26.71 3.55 4.47
N CYS A 11 26.81 2.21 4.47
CA CYS A 11 27.99 1.54 3.93
C CYS A 11 27.66 0.80 2.62
N GLN A 12 26.41 0.38 2.46
CA GLN A 12 25.96 -0.25 1.22
C GLN A 12 26.77 -1.51 0.92
N GLU A 13 27.45 -2.04 1.94
CA GLU A 13 28.28 -3.21 1.76
C GLU A 13 27.49 -4.47 2.09
N THR A 14 26.43 -4.32 2.91
CA THR A 14 25.74 -5.49 3.41
C THR A 14 24.24 -5.44 3.06
N GLU A 15 23.72 -6.59 2.62
CA GLU A 15 22.29 -6.83 2.50
C GLU A 15 21.72 -7.11 3.90
N ILE A 16 20.63 -6.42 4.26
CA ILE A 16 19.95 -6.62 5.53
C ILE A 16 18.75 -7.56 5.34
N THR A 17 17.94 -7.31 4.32
CA THR A 17 16.83 -8.22 4.08
C THR A 17 16.44 -8.16 2.60
N THR A 18 15.38 -8.89 2.27
CA THR A 18 14.88 -8.91 0.90
C THR A 18 13.40 -8.56 0.96
N LYS A 19 12.89 -8.07 -0.16
CA LYS A 19 11.51 -7.68 -0.34
C LYS A 19 10.57 -8.81 0.06
N ASN A 20 10.97 -10.07 -0.16
CA ASN A 20 10.08 -11.19 0.10
C ASN A 20 9.97 -11.49 1.60
N GLU A 21 10.75 -10.80 2.45
CA GLU A 21 10.63 -11.00 3.89
C GLU A 21 9.49 -10.14 4.41
N ILE A 22 9.04 -9.18 3.60
CA ILE A 22 8.13 -8.16 4.08
C ILE A 22 6.79 -8.79 4.39
N PHE A 23 6.17 -8.27 5.46
CA PHE A 23 4.83 -8.64 5.85
C PHE A 23 4.24 -7.48 6.63
N SER A 24 2.91 -7.50 6.78
CA SER A 24 2.19 -6.50 7.56
C SER A 24 1.85 -7.13 8.90
N LEU A 25 2.65 -6.80 9.92
CA LEU A 25 2.36 -7.22 11.27
C LEU A 25 1.10 -6.50 11.70
N SER A 26 1.16 -5.16 11.60
CA SER A 26 -0.01 -4.32 11.79
C SER A 26 -0.72 -4.17 10.44
N LEU A 27 -2.06 -4.26 10.47
CA LEU A 27 -2.88 -3.85 9.35
C LEU A 27 -2.69 -2.35 9.04
N SER A 28 -1.59 -1.76 9.54
CA SER A 28 -1.12 -0.46 9.10
C SER A 28 -0.33 -0.61 7.80
N GLY A 29 -0.47 -1.75 7.14
CA GLY A 29 0.35 -2.13 6.01
C GLY A 29 1.76 -2.52 6.45
N PRO A 30 2.69 -2.71 5.49
CA PRO A 30 4.02 -3.21 5.80
C PRO A 30 4.92 -2.18 6.50
N MET A 31 4.74 -0.91 6.16
CA MET A 31 5.59 0.18 6.61
C MET A 31 4.72 1.38 6.95
N ALA A 32 4.61 1.66 8.26
CA ALA A 32 3.91 2.83 8.74
C ALA A 32 4.89 3.69 9.52
N ALA A 33 4.51 4.96 9.73
CA ALA A 33 5.24 5.89 10.58
C ALA A 33 4.90 5.65 12.07
N TYR A 34 5.95 5.39 12.88
CA TYR A 34 5.83 5.22 14.32
C TYR A 34 6.63 6.33 15.01
N VAL A 35 6.09 6.84 16.13
CA VAL A 35 6.70 7.96 16.81
C VAL A 35 7.32 7.39 18.07
N ASN A 36 8.55 7.77 18.36
CA ASN A 36 9.18 7.30 19.58
C ASN A 36 8.79 8.23 20.72
N PRO A 37 9.17 7.96 21.98
CA PRO A 37 8.76 8.79 23.11
C PRO A 37 9.24 10.24 23.04
N HIS A 38 10.28 10.50 22.20
CA HIS A 38 10.98 11.76 22.19
C HIS A 38 10.64 12.60 20.95
N GLY A 39 9.70 12.09 20.13
CA GLY A 39 9.24 12.82 18.96
C GLY A 39 9.92 12.43 17.64
N TYR A 40 10.73 11.36 17.61
CA TYR A 40 11.33 10.92 16.36
C TYR A 40 10.36 9.95 15.67
N VAL A 41 10.03 10.26 14.42
CA VAL A 41 9.15 9.41 13.67
C VAL A 41 10.04 8.48 12.86
N HIS A 42 9.68 7.18 12.88
CA HIS A 42 10.37 6.13 12.17
C HIS A 42 9.35 5.36 11.34
N GLU A 43 9.49 5.49 10.02
CA GLU A 43 8.78 4.65 9.09
C GLU A 43 9.44 3.28 9.13
N THR A 44 8.82 2.39 9.88
CA THR A 44 9.44 1.12 10.20
C THR A 44 8.81 0.02 9.34
N LEU A 45 9.66 -0.69 8.57
CA LEU A 45 9.21 -1.79 7.73
C LEU A 45 9.36 -3.09 8.50
N THR A 46 8.33 -3.97 8.45
CA THR A 46 8.37 -5.22 9.21
C THR A 46 8.72 -6.39 8.30
N VAL A 47 9.83 -7.06 8.62
CA VAL A 47 10.30 -8.21 7.87
C VAL A 47 10.53 -9.40 8.80
N TYR A 48 10.32 -10.61 8.25
CA TYR A 48 10.39 -11.81 9.07
C TYR A 48 11.84 -12.07 9.44
N LYS A 49 12.75 -11.97 8.45
CA LYS A 49 14.15 -12.24 8.68
C LYS A 49 15.02 -11.08 8.23
N ALA A 50 16.15 -10.91 8.94
CA ALA A 50 17.19 -9.96 8.58
C ALA A 50 18.55 -10.58 8.88
N SER A 51 19.60 -10.09 8.24
CA SER A 51 20.94 -10.57 8.55
C SER A 51 21.91 -9.39 8.59
N ASN A 52 23.13 -9.67 9.07
CA ASN A 52 24.22 -8.71 9.07
C ASN A 52 23.93 -7.56 10.00
N LEU A 53 23.28 -7.86 11.13
CA LEU A 53 22.83 -6.88 12.09
C LEU A 53 23.32 -7.34 13.43
N ASN A 54 23.90 -6.46 14.24
CA ASN A 54 24.22 -6.80 15.61
C ASN A 54 23.28 -6.03 16.54
N LEU A 55 23.11 -6.59 17.74
CA LEU A 55 22.20 -6.06 18.73
C LEU A 55 22.95 -5.27 19.79
N ILE A 56 22.31 -4.19 20.28
CA ILE A 56 22.77 -3.37 21.40
C ILE A 56 21.76 -3.48 22.54
N GLY A 57 22.22 -3.50 23.80
CA GLY A 57 21.36 -3.40 24.96
C GLY A 57 20.68 -4.73 25.25
N ARG A 58 19.71 -4.75 26.18
CA ARG A 58 18.88 -5.93 26.37
C ARG A 58 17.47 -5.59 25.85
N PRO A 59 16.62 -6.58 25.53
CA PRO A 59 15.29 -6.30 25.00
C PRO A 59 14.43 -5.50 25.97
N SER A 60 13.67 -4.53 25.43
CA SER A 60 12.72 -3.78 26.24
C SER A 60 11.33 -3.75 25.59
N THR A 61 10.30 -3.61 26.42
CA THR A 61 8.91 -3.42 26.05
C THR A 61 8.50 -1.95 26.16
N GLU A 62 9.40 -1.07 26.64
CA GLU A 62 9.05 0.33 26.85
C GLU A 62 8.61 0.98 25.52
N HIS A 63 7.35 1.43 25.49
CA HIS A 63 6.82 2.19 24.37
C HIS A 63 6.87 1.32 23.11
N SER A 64 6.80 -0.01 23.27
CA SER A 64 6.81 -0.91 22.13
C SER A 64 5.70 -0.55 21.14
N TRP A 65 6.07 -0.45 19.87
CA TRP A 65 5.13 -0.12 18.80
C TRP A 65 4.25 -1.30 18.42
N PHE A 66 4.60 -2.52 18.88
CA PHE A 66 3.80 -3.71 18.61
C PHE A 66 3.56 -4.47 19.90
N PRO A 67 2.45 -4.21 20.63
CA PRO A 67 2.32 -4.66 22.01
C PRO A 67 2.36 -6.17 22.07
N GLY A 68 2.98 -6.69 23.13
CA GLY A 68 3.34 -8.11 23.16
C GLY A 68 4.78 -8.38 22.73
N TYR A 69 5.42 -7.44 22.01
CA TYR A 69 6.78 -7.66 21.54
C TYR A 69 7.72 -6.74 22.31
N ALA A 70 8.96 -7.14 22.45
CA ALA A 70 10.00 -6.28 23.02
C ALA A 70 11.04 -5.94 21.95
N TRP A 71 11.62 -4.74 22.05
CA TRP A 71 12.54 -4.24 21.03
C TRP A 71 13.96 -4.34 21.56
N THR A 72 14.88 -4.61 20.62
CA THR A 72 16.31 -4.54 20.88
C THR A 72 16.95 -3.84 19.69
N VAL A 73 17.75 -2.80 19.96
CA VAL A 73 18.34 -1.97 18.93
C VAL A 73 19.18 -2.81 17.97
N ALA A 74 19.22 -2.42 16.69
CA ALA A 74 19.87 -3.28 15.70
C ALA A 74 20.70 -2.42 14.76
N GLN A 75 21.98 -2.76 14.62
CA GLN A 75 22.85 -1.93 13.81
C GLN A 75 23.66 -2.80 12.86
N CYS A 76 24.07 -2.16 11.74
CA CYS A 76 24.94 -2.71 10.72
C CYS A 76 26.22 -3.30 11.33
N LYS A 77 26.52 -4.57 11.03
CA LYS A 77 27.72 -5.22 11.54
C LYS A 77 29.00 -4.65 10.93
N ILE A 78 28.89 -3.96 9.79
CA ILE A 78 30.04 -3.39 9.12
C ILE A 78 30.26 -1.93 9.57
N CYS A 79 29.22 -1.06 9.49
CA CYS A 79 29.42 0.35 9.81
C CYS A 79 28.88 0.74 11.19
N ALA A 80 28.12 -0.15 11.84
CA ALA A 80 27.50 0.12 13.13
C ALA A 80 26.37 1.17 13.03
N SER A 81 25.97 1.58 11.82
CA SER A 81 24.83 2.49 11.71
C SER A 81 23.57 1.81 12.23
N HIS A 82 22.75 2.59 12.96
CA HIS A 82 21.45 2.13 13.41
C HIS A 82 20.63 1.73 12.18
N ILE A 83 20.04 0.53 12.20
CA ILE A 83 19.20 0.06 11.10
C ILE A 83 17.73 -0.06 11.52
N GLY A 84 17.47 -0.54 12.74
CA GLY A 84 16.13 -0.71 13.25
C GLY A 84 16.11 -1.38 14.63
N TRP A 85 15.21 -2.37 14.80
CA TRP A 85 15.07 -3.14 16.02
C TRP A 85 14.72 -4.58 15.69
N LYS A 86 15.18 -5.52 16.50
CA LYS A 86 14.63 -6.85 16.55
C LYS A 86 13.47 -6.85 17.55
N PHE A 87 12.34 -7.46 17.15
CA PHE A 87 11.17 -7.57 17.98
C PHE A 87 10.99 -9.03 18.35
N THR A 88 10.83 -9.28 19.65
CA THR A 88 10.79 -10.62 20.22
C THR A 88 9.57 -10.70 21.11
N ALA A 89 8.71 -11.71 20.90
CA ALA A 89 7.43 -11.80 21.58
C ALA A 89 7.64 -12.02 23.08
N THR A 90 6.78 -11.40 23.91
CA THR A 90 6.85 -11.55 25.35
C THR A 90 5.94 -12.67 25.85
N LYS A 91 5.12 -13.23 24.95
CA LYS A 91 4.14 -14.27 25.25
C LYS A 91 4.22 -15.40 24.21
N LYS A 92 3.99 -16.62 24.69
CA LYS A 92 4.17 -17.83 23.89
C LYS A 92 3.14 -17.92 22.77
N ASP A 93 2.01 -17.25 22.92
CA ASP A 93 0.86 -17.42 22.03
C ASP A 93 0.87 -16.40 20.89
N MET A 94 1.94 -15.63 20.74
CA MET A 94 2.06 -14.64 19.68
C MET A 94 2.76 -15.20 18.45
N SER A 95 2.55 -14.55 17.31
CA SER A 95 3.06 -15.13 16.08
C SER A 95 3.28 -14.07 15.01
N PRO A 96 4.51 -13.86 14.50
CA PRO A 96 5.66 -14.67 14.85
C PRO A 96 6.25 -14.36 16.23
N GLN A 97 7.17 -15.25 16.64
CA GLN A 97 7.91 -15.10 17.88
C GLN A 97 8.95 -14.00 17.73
N LYS A 98 9.43 -13.79 16.51
CA LYS A 98 10.31 -12.66 16.25
C LYS A 98 10.15 -12.17 14.81
N PHE A 99 10.32 -10.86 14.67
CA PHE A 99 10.53 -10.23 13.38
C PHE A 99 11.47 -9.05 13.62
N TRP A 100 11.74 -8.30 12.55
CA TRP A 100 12.52 -7.10 12.63
C TRP A 100 11.68 -5.92 12.11
N GLY A 101 11.91 -4.74 12.71
CA GLY A 101 11.41 -3.48 12.22
C GLY A 101 12.58 -2.60 11.77
N LEU A 102 12.68 -2.41 10.46
CA LEU A 102 13.83 -1.73 9.88
C LEU A 102 13.40 -0.32 9.50
N THR A 103 14.18 0.67 9.93
CA THR A 103 13.80 2.05 9.70
C THR A 103 14.15 2.45 8.27
N ARG A 104 13.21 3.14 7.62
CA ARG A 104 13.25 3.39 6.18
C ARG A 104 14.46 4.19 5.76
N SER A 105 14.84 5.15 6.62
CA SER A 105 15.88 6.11 6.29
C SER A 105 17.27 5.51 6.44
N ALA A 106 17.32 4.23 6.85
CA ALA A 106 18.56 3.52 7.10
C ALA A 106 18.88 2.51 6.00
N LEU A 107 17.97 2.37 5.00
CA LEU A 107 18.07 1.39 3.94
C LEU A 107 18.11 2.04 2.57
N LEU A 108 18.85 1.38 1.67
CA LEU A 108 18.72 1.53 0.23
C LEU A 108 18.28 0.25 -0.46
N PRO A 109 17.45 0.34 -1.52
CA PRO A 109 16.95 1.61 -2.00
C PRO A 109 15.97 2.23 -1.00
N THR A 110 15.35 3.35 -1.38
CA THR A 110 14.29 3.92 -0.57
C THR A 110 13.03 3.12 -0.85
N ILE A 111 12.34 2.69 0.22
CA ILE A 111 11.19 1.80 0.10
C ILE A 111 9.93 2.65 0.20
N ARG B 4 22.23 0.69 32.55
CA ARG B 4 22.84 1.54 31.51
C ARG B 4 22.15 2.90 31.58
N PRO B 5 22.78 3.95 32.18
CA PRO B 5 22.15 5.27 32.34
C PRO B 5 22.19 6.24 31.16
N PHE B 6 22.99 5.94 30.11
CA PHE B 6 23.02 6.74 28.89
C PHE B 6 22.03 6.13 27.89
N HIS B 7 21.03 6.91 27.47
CA HIS B 7 20.04 6.44 26.51
C HIS B 7 20.04 7.29 25.23
N CYS B 8 19.93 6.66 24.05
CA CYS B 8 19.78 7.39 22.80
C CYS B 8 18.32 7.77 22.56
N ASN B 9 18.06 9.06 22.37
CA ASN B 9 16.70 9.53 22.19
C ASN B 9 16.17 9.11 20.82
N GLN B 10 17.05 8.70 19.89
CA GLN B 10 16.62 8.44 18.52
C GLN B 10 16.05 7.03 18.39
N CYS B 11 16.68 6.05 19.05
CA CYS B 11 16.37 4.65 18.81
C CYS B 11 16.19 3.83 20.08
N GLY B 12 16.65 4.34 21.24
CA GLY B 12 16.46 3.66 22.52
C GLY B 12 17.70 2.90 23.01
N ALA B 13 18.76 2.81 22.20
CA ALA B 13 20.03 2.27 22.69
C ALA B 13 20.38 2.86 24.05
N SER B 14 20.88 2.00 24.92
CA SER B 14 21.33 2.38 26.24
C SER B 14 22.79 1.97 26.41
N PHE B 15 23.54 2.74 27.21
CA PHE B 15 24.97 2.52 27.37
C PHE B 15 25.35 2.76 28.83
N THR B 16 26.42 2.09 29.24
CA THR B 16 27.04 2.27 30.55
C THR B 16 28.06 3.39 30.48
N GLN B 17 28.77 3.46 29.34
CA GLN B 17 29.87 4.38 29.10
C GLN B 17 29.44 5.52 28.19
N LYS B 18 29.70 6.75 28.67
CA LYS B 18 29.43 7.99 27.95
C LYS B 18 29.96 7.86 26.53
N GLY B 19 31.19 7.35 26.44
CA GLY B 19 31.95 7.29 25.21
C GLY B 19 31.30 6.39 24.16
N ASN B 20 30.59 5.34 24.60
CA ASN B 20 29.82 4.52 23.67
C ASN B 20 28.69 5.39 23.09
N LEU B 21 27.96 6.09 23.96
CA LEU B 21 26.89 6.99 23.54
C LEU B 21 27.40 7.94 22.46
N LEU B 22 28.54 8.62 22.70
CA LEU B 22 29.07 9.59 21.75
C LEU B 22 29.31 8.95 20.38
N ARG B 23 29.96 7.79 20.42
CA ARG B 23 30.20 7.01 19.22
C ARG B 23 28.87 6.80 18.49
N HIS B 24 27.88 6.28 19.23
CA HIS B 24 26.58 5.92 18.66
C HIS B 24 25.93 7.15 18.04
N ILE B 25 25.90 8.27 18.80
CA ILE B 25 25.11 9.42 18.40
C ILE B 25 25.66 10.00 17.11
N LYS B 26 27.00 10.00 16.97
CA LYS B 26 27.68 10.47 15.79
C LYS B 26 27.16 9.71 14.56
N LEU B 27 27.01 8.38 14.67
CA LEU B 27 26.53 7.53 13.57
C LEU B 27 25.15 7.93 13.08
N HIS B 28 24.29 8.45 13.99
CA HIS B 28 22.98 8.96 13.59
C HIS B 28 23.12 10.13 12.62
N SER B 29 24.24 10.88 12.72
CA SER B 29 24.70 11.69 11.61
C SER B 29 25.28 10.79 10.51
N PRO C 2 -37.06 -21.03 15.07
CA PRO C 2 -36.39 -20.01 15.92
C PRO C 2 -35.80 -18.92 15.03
N SER C 3 -35.62 -17.72 15.60
CA SER C 3 -34.70 -16.75 15.03
C SER C 3 -33.42 -16.74 15.85
N THR C 4 -32.93 -17.95 16.20
CA THR C 4 -31.67 -18.13 16.89
C THR C 4 -30.53 -17.82 15.93
N SER C 5 -29.56 -17.07 16.47
CA SER C 5 -28.54 -16.46 15.66
C SER C 5 -27.32 -17.37 15.56
N LEU C 6 -26.69 -17.30 14.39
CA LEU C 6 -25.36 -17.82 14.13
C LEU C 6 -24.39 -16.65 14.11
N SER C 7 -23.30 -16.78 14.85
CA SER C 7 -22.35 -15.70 15.03
C SER C 7 -20.99 -16.10 14.51
N CYS C 8 -20.12 -15.10 14.29
CA CYS C 8 -18.73 -15.34 13.97
C CYS C 8 -18.11 -16.14 15.12
N LYS C 9 -17.58 -17.33 14.81
CA LYS C 9 -16.95 -18.17 15.82
C LYS C 9 -15.74 -17.45 16.40
N GLN C 10 -15.07 -16.59 15.61
CA GLN C 10 -13.78 -16.05 16.03
C GLN C 10 -13.95 -14.85 16.95
N CYS C 11 -14.84 -13.91 16.60
CA CYS C 11 -14.96 -12.71 17.40
C CYS C 11 -16.23 -12.77 18.25
N GLN C 12 -17.28 -13.38 17.70
CA GLN C 12 -18.50 -13.64 18.44
C GLN C 12 -19.23 -12.35 18.78
N GLU C 13 -18.72 -11.22 18.27
CA GLU C 13 -19.35 -9.93 18.54
C GLU C 13 -20.48 -9.67 17.56
N THR C 14 -20.65 -10.54 16.56
CA THR C 14 -21.62 -10.24 15.52
C THR C 14 -22.46 -11.46 15.12
N GLU C 15 -23.75 -11.18 14.94
CA GLU C 15 -24.72 -12.06 14.29
C GLU C 15 -24.50 -12.01 12.77
N ILE C 16 -24.27 -13.19 12.17
CA ILE C 16 -24.13 -13.33 10.73
C ILE C 16 -25.50 -13.63 10.07
N THR C 17 -26.27 -14.54 10.69
CA THR C 17 -27.56 -14.96 10.15
C THR C 17 -28.36 -15.70 11.24
N THR C 18 -29.59 -16.06 10.93
CA THR C 18 -30.39 -16.79 11.88
C THR C 18 -30.84 -18.09 11.21
N LYS C 19 -31.12 -19.07 12.05
CA LYS C 19 -31.63 -20.36 11.62
C LYS C 19 -32.77 -20.19 10.62
N ASN C 20 -33.63 -19.18 10.76
CA ASN C 20 -34.79 -19.09 9.87
C ASN C 20 -34.39 -18.55 8.51
N GLU C 21 -33.10 -18.24 8.29
CA GLU C 21 -32.62 -17.90 6.97
C GLU C 21 -32.36 -19.16 6.16
N ILE C 22 -32.25 -20.28 6.86
CA ILE C 22 -31.75 -21.52 6.27
C ILE C 22 -32.75 -22.08 5.27
N PHE C 23 -32.21 -22.57 4.14
CA PHE C 23 -33.06 -23.14 3.12
C PHE C 23 -32.21 -24.14 2.35
N SER C 24 -32.87 -25.04 1.63
CA SER C 24 -32.21 -25.99 0.77
C SER C 24 -32.15 -25.38 -0.63
N LEU C 25 -30.95 -24.95 -1.04
CA LEU C 25 -30.79 -24.49 -2.41
C LEU C 25 -30.79 -25.72 -3.30
N SER C 26 -29.86 -26.65 -3.00
CA SER C 26 -29.81 -27.99 -3.58
C SER C 26 -30.56 -28.94 -2.66
N LEU C 27 -31.24 -29.95 -3.24
CA LEU C 27 -31.90 -30.97 -2.43
C LEU C 27 -30.89 -31.74 -1.59
N SER C 28 -29.59 -31.45 -1.73
CA SER C 28 -28.57 -31.95 -0.82
C SER C 28 -28.80 -31.38 0.59
N GLY C 29 -30.07 -31.10 0.94
CA GLY C 29 -30.44 -30.53 2.23
C GLY C 29 -29.92 -29.10 2.34
N PRO C 30 -29.96 -28.49 3.56
CA PRO C 30 -29.47 -27.12 3.77
C PRO C 30 -27.94 -27.01 3.89
N MET C 31 -27.28 -28.10 4.31
CA MET C 31 -25.84 -28.12 4.57
C MET C 31 -25.26 -29.41 4.03
N ALA C 32 -24.34 -29.28 3.08
CA ALA C 32 -23.52 -30.38 2.60
C ALA C 32 -22.05 -29.98 2.59
N ALA C 33 -21.20 -31.01 2.53
CA ALA C 33 -19.77 -30.91 2.37
C ALA C 33 -19.43 -30.73 0.89
N TYR C 34 -18.76 -29.61 0.55
CA TYR C 34 -18.34 -29.30 -0.81
C TYR C 34 -16.82 -29.22 -0.82
N VAL C 35 -16.21 -29.76 -1.88
CA VAL C 35 -14.77 -29.77 -2.03
C VAL C 35 -14.33 -28.63 -2.93
N ASN C 36 -13.28 -27.90 -2.50
CA ASN C 36 -12.79 -26.76 -3.25
C ASN C 36 -11.73 -27.23 -4.24
N PRO C 37 -11.25 -26.40 -5.19
CA PRO C 37 -10.38 -26.90 -6.25
C PRO C 37 -9.04 -27.45 -5.76
N HIS C 38 -8.70 -27.11 -4.50
CA HIS C 38 -7.41 -27.45 -3.91
C HIS C 38 -7.55 -28.47 -2.80
N GLY C 39 -8.77 -29.00 -2.58
CA GLY C 39 -8.96 -30.13 -1.67
C GLY C 39 -9.50 -29.75 -0.27
N TYR C 40 -9.88 -28.48 -0.06
CA TYR C 40 -10.52 -28.09 1.19
C TYR C 40 -12.02 -28.38 1.11
N VAL C 41 -12.50 -29.14 2.10
CA VAL C 41 -13.90 -29.47 2.22
C VAL C 41 -14.54 -28.42 3.10
N HIS C 42 -15.60 -27.80 2.55
CA HIS C 42 -16.40 -26.85 3.31
C HIS C 42 -17.82 -27.41 3.41
N GLU C 43 -18.27 -27.62 4.64
CA GLU C 43 -19.68 -27.82 4.92
C GLU C 43 -20.35 -26.46 4.86
N THR C 44 -21.03 -26.22 3.74
CA THR C 44 -21.61 -24.93 3.43
C THR C 44 -23.12 -24.92 3.68
N LEU C 45 -23.54 -24.02 4.57
CA LEU C 45 -24.94 -23.83 4.88
C LEU C 45 -25.50 -22.69 4.05
N THR C 46 -26.68 -22.90 3.44
CA THR C 46 -27.25 -21.88 2.58
C THR C 46 -28.39 -21.15 3.30
N VAL C 47 -28.21 -19.83 3.43
CA VAL C 47 -29.15 -18.97 4.09
C VAL C 47 -29.52 -17.87 3.11
N TYR C 48 -30.74 -17.34 3.26
CA TYR C 48 -31.28 -16.38 2.31
C TYR C 48 -30.64 -15.04 2.57
N LYS C 49 -30.49 -14.68 3.85
CA LYS C 49 -29.87 -13.41 4.20
C LYS C 49 -28.74 -13.59 5.23
N ALA C 50 -27.84 -12.61 5.20
CA ALA C 50 -26.71 -12.60 6.11
C ALA C 50 -26.41 -11.14 6.42
N SER C 51 -25.77 -10.87 7.56
CA SER C 51 -25.40 -9.50 7.85
C SER C 51 -24.05 -9.47 8.56
N ASN C 52 -23.45 -8.28 8.61
CA ASN C 52 -22.14 -8.03 9.16
C ASN C 52 -21.03 -8.74 8.41
N LEU C 53 -21.18 -8.86 7.10
CA LEU C 53 -20.16 -9.48 6.28
C LEU C 53 -19.67 -8.46 5.27
N ASN C 54 -18.35 -8.45 5.01
CA ASN C 54 -17.79 -7.69 3.90
C ASN C 54 -17.27 -8.65 2.87
N LEU C 55 -17.32 -8.19 1.61
CA LEU C 55 -16.96 -8.95 0.43
C LEU C 55 -15.52 -8.65 0.05
N ILE C 56 -14.79 -9.70 -0.33
CA ILE C 56 -13.46 -9.59 -0.89
C ILE C 56 -13.52 -10.02 -2.35
N GLY C 57 -12.58 -9.48 -3.16
CA GLY C 57 -12.42 -9.81 -4.57
C GLY C 57 -13.69 -9.53 -5.38
N ARG C 58 -13.75 -10.16 -6.55
CA ARG C 58 -14.83 -9.95 -7.51
C ARG C 58 -15.67 -11.23 -7.58
N PRO C 59 -16.94 -11.19 -8.08
CA PRO C 59 -17.68 -12.41 -8.32
C PRO C 59 -16.99 -13.34 -9.33
N SER C 60 -17.04 -14.65 -9.07
CA SER C 60 -16.48 -15.61 -10.00
C SER C 60 -17.39 -16.84 -10.05
N THR C 61 -17.42 -17.47 -11.22
CA THR C 61 -18.11 -18.73 -11.45
C THR C 61 -17.12 -19.88 -11.36
N GLU C 62 -15.84 -19.58 -11.12
CA GLU C 62 -14.83 -20.64 -11.16
C GLU C 62 -15.18 -21.69 -10.10
N HIS C 63 -15.38 -22.93 -10.58
CA HIS C 63 -15.61 -24.07 -9.69
C HIS C 63 -16.82 -23.81 -8.79
N SER C 64 -17.76 -22.99 -9.27
CA SER C 64 -18.93 -22.72 -8.44
C SER C 64 -19.57 -24.04 -8.06
N TRP C 65 -19.98 -24.14 -6.79
CA TRP C 65 -20.67 -25.31 -6.27
C TRP C 65 -22.13 -25.30 -6.69
N PHE C 66 -22.67 -24.13 -7.01
CA PHE C 66 -24.08 -23.98 -7.35
C PHE C 66 -24.17 -23.36 -8.74
N PRO C 67 -24.23 -24.22 -9.79
CA PRO C 67 -24.11 -23.75 -11.16
C PRO C 67 -25.19 -22.76 -11.50
N GLY C 68 -24.80 -21.70 -12.21
CA GLY C 68 -25.67 -20.56 -12.41
C GLY C 68 -25.40 -19.41 -11.43
N TYR C 69 -24.59 -19.65 -10.39
CA TYR C 69 -24.33 -18.61 -9.39
C TYR C 69 -22.85 -18.26 -9.39
N ALA C 70 -22.52 -17.00 -9.13
CA ALA C 70 -21.13 -16.64 -8.90
C ALA C 70 -20.90 -16.46 -7.40
N TRP C 71 -19.69 -16.81 -6.95
CA TRP C 71 -19.25 -16.60 -5.58
C TRP C 71 -18.39 -15.34 -5.48
N THR C 72 -18.56 -14.66 -4.34
CA THR C 72 -17.69 -13.61 -3.87
C THR C 72 -17.41 -13.90 -2.40
N VAL C 73 -16.11 -13.98 -2.03
CA VAL C 73 -15.69 -14.34 -0.68
C VAL C 73 -16.30 -13.37 0.33
N ALA C 74 -16.67 -13.89 1.51
CA ALA C 74 -17.35 -13.08 2.51
C ALA C 74 -16.67 -13.26 3.86
N GLN C 75 -16.34 -12.14 4.51
CA GLN C 75 -15.64 -12.21 5.78
C GLN C 75 -16.31 -11.30 6.80
N CYS C 76 -16.05 -11.64 8.07
CA CYS C 76 -16.56 -10.90 9.20
C CYS C 76 -16.03 -9.47 9.07
N LYS C 77 -16.93 -8.49 9.16
CA LYS C 77 -16.56 -7.09 9.10
C LYS C 77 -15.69 -6.71 10.31
N ILE C 78 -15.83 -7.45 11.42
CA ILE C 78 -15.16 -7.11 12.66
C ILE C 78 -13.75 -7.72 12.68
N CYS C 79 -13.65 -9.05 12.44
CA CYS C 79 -12.41 -9.77 12.68
C CYS C 79 -11.74 -10.21 11.37
N ALA C 80 -12.40 -10.01 10.22
CA ALA C 80 -11.86 -10.38 8.92
C ALA C 80 -11.77 -11.91 8.74
N SER C 81 -12.32 -12.71 9.66
CA SER C 81 -12.30 -14.15 9.44
C SER C 81 -13.24 -14.54 8.30
N HIS C 82 -12.81 -15.57 7.56
CA HIS C 82 -13.56 -16.10 6.44
C HIS C 82 -14.80 -16.77 6.99
N ILE C 83 -15.98 -16.35 6.51
CA ILE C 83 -17.24 -16.94 6.95
C ILE C 83 -17.84 -17.77 5.81
N GLY C 84 -17.78 -17.30 4.57
CA GLY C 84 -18.39 -18.08 3.50
C GLY C 84 -18.28 -17.36 2.17
N TRP C 85 -19.39 -17.31 1.43
CA TRP C 85 -19.45 -16.67 0.11
C TRP C 85 -20.85 -16.12 -0.10
N LYS C 86 -20.95 -14.98 -0.77
CA LYS C 86 -22.21 -14.57 -1.36
C LYS C 86 -22.33 -15.28 -2.70
N PHE C 87 -23.49 -15.86 -2.98
CA PHE C 87 -23.78 -16.38 -4.30
C PHE C 87 -24.76 -15.43 -5.02
N THR C 88 -24.51 -15.16 -6.31
CA THR C 88 -25.32 -14.21 -7.07
C THR C 88 -25.53 -14.79 -8.47
N ALA C 89 -26.78 -14.79 -8.91
CA ALA C 89 -27.16 -15.53 -10.10
C ALA C 89 -26.44 -14.92 -11.30
N THR C 90 -26.12 -15.74 -12.31
CA THR C 90 -25.54 -15.22 -13.54
C THR C 90 -26.61 -15.15 -14.63
N LYS C 91 -27.85 -15.53 -14.28
CA LYS C 91 -28.99 -15.60 -15.20
C LYS C 91 -30.24 -15.03 -14.53
N LYS C 92 -31.12 -14.41 -15.33
CA LYS C 92 -32.27 -13.68 -14.81
C LYS C 92 -33.38 -14.60 -14.32
N ASP C 93 -33.33 -15.90 -14.65
CA ASP C 93 -34.44 -16.82 -14.41
C ASP C 93 -34.27 -17.60 -13.11
N MET C 94 -33.14 -17.41 -12.42
CA MET C 94 -32.79 -18.27 -11.29
C MET C 94 -33.44 -17.73 -10.04
N SER C 95 -33.43 -18.54 -8.97
CA SER C 95 -34.22 -18.18 -7.81
C SER C 95 -33.76 -18.93 -6.57
N PRO C 96 -33.28 -18.28 -5.50
CA PRO C 96 -33.16 -16.83 -5.43
C PRO C 96 -32.07 -16.27 -6.32
N GLN C 97 -32.19 -14.97 -6.62
CA GLN C 97 -31.14 -14.20 -7.26
C GLN C 97 -29.89 -14.15 -6.38
N LYS C 98 -30.05 -14.16 -5.06
CA LYS C 98 -28.91 -14.20 -4.19
C LYS C 98 -29.22 -14.93 -2.88
N PHE C 99 -28.18 -15.60 -2.40
CA PHE C 99 -28.15 -16.20 -1.08
C PHE C 99 -26.69 -16.18 -0.65
N TRP C 100 -26.45 -16.69 0.55
CA TRP C 100 -25.10 -16.89 1.05
C TRP C 100 -24.85 -18.37 1.31
N GLY C 101 -23.60 -18.80 1.11
CA GLY C 101 -23.12 -20.08 1.61
C GLY C 101 -22.10 -19.86 2.71
N LEU C 102 -22.51 -20.13 3.96
CA LEU C 102 -21.68 -19.91 5.14
C LEU C 102 -20.98 -21.20 5.58
N THR C 103 -19.69 -21.08 5.91
CA THR C 103 -18.93 -22.27 6.26
C THR C 103 -19.16 -22.64 7.75
N ARG C 104 -19.46 -23.92 7.98
CA ARG C 104 -20.00 -24.38 9.26
C ARG C 104 -19.06 -24.07 10.44
N SER C 105 -17.77 -24.23 10.18
CA SER C 105 -16.73 -24.15 11.19
C SER C 105 -16.35 -22.70 11.46
N ALA C 106 -16.96 -21.77 10.70
CA ALA C 106 -16.84 -20.34 10.94
C ALA C 106 -17.94 -19.80 11.87
N LEU C 107 -18.96 -20.60 12.18
CA LEU C 107 -20.11 -20.10 12.92
C LEU C 107 -20.20 -20.78 14.28
N LEU C 108 -20.72 -20.02 15.25
CA LEU C 108 -21.24 -20.51 16.51
C LEU C 108 -22.73 -20.18 16.65
N PRO C 109 -23.58 -21.08 17.19
CA PRO C 109 -23.16 -22.42 17.57
C PRO C 109 -22.90 -23.31 16.36
N THR C 110 -22.27 -24.46 16.60
CA THR C 110 -22.03 -25.43 15.55
C THR C 110 -23.37 -26.03 15.13
N ILE C 111 -23.59 -26.09 13.81
CA ILE C 111 -24.87 -26.46 13.24
C ILE C 111 -24.79 -27.93 12.77
N ARG D 4 -5.55 -8.75 -9.10
CA ARG D 4 -5.26 -9.45 -7.82
C ARG D 4 -4.57 -10.77 -8.18
N PRO D 5 -3.22 -10.83 -8.10
CA PRO D 5 -2.46 -12.06 -8.32
C PRO D 5 -2.36 -13.02 -7.13
N PHE D 6 -2.57 -12.49 -5.91
CA PHE D 6 -2.41 -13.29 -4.71
C PHE D 6 -3.75 -13.93 -4.38
N HIS D 7 -3.76 -15.27 -4.33
CA HIS D 7 -4.98 -16.05 -4.22
C HIS D 7 -4.92 -16.95 -3.00
N CYS D 8 -5.98 -16.93 -2.18
CA CYS D 8 -6.15 -17.91 -1.12
C CYS D 8 -6.62 -19.27 -1.66
N ASN D 9 -5.88 -20.33 -1.34
CA ASN D 9 -6.24 -21.67 -1.78
C ASN D 9 -7.35 -22.28 -0.93
N GLN D 10 -7.70 -21.64 0.20
CA GLN D 10 -8.68 -22.24 1.11
C GLN D 10 -10.11 -21.88 0.72
N CYS D 11 -10.31 -20.72 0.06
CA CYS D 11 -11.61 -20.05 -0.03
C CYS D 11 -11.76 -19.24 -1.33
N GLY D 12 -10.63 -18.82 -1.91
CA GLY D 12 -10.66 -18.18 -3.21
C GLY D 12 -10.55 -16.66 -3.12
N ALA D 13 -10.37 -16.12 -1.91
CA ALA D 13 -9.95 -14.73 -1.75
C ALA D 13 -8.76 -14.42 -2.65
N SER D 14 -8.75 -13.19 -3.21
CA SER D 14 -7.67 -12.69 -4.03
C SER D 14 -7.24 -11.35 -3.45
N PHE D 15 -5.97 -11.01 -3.60
CA PHE D 15 -5.45 -9.76 -3.07
C PHE D 15 -4.46 -9.19 -4.08
N THR D 16 -4.19 -7.88 -4.01
CA THR D 16 -3.13 -7.26 -4.80
C THR D 16 -1.82 -7.18 -3.97
N GLN D 17 -1.93 -7.01 -2.64
CA GLN D 17 -0.76 -6.81 -1.80
C GLN D 17 -0.53 -8.04 -0.92
N LYS D 18 0.63 -8.68 -1.14
CA LYS D 18 0.95 -10.00 -0.60
C LYS D 18 0.75 -10.08 0.91
N GLY D 19 0.92 -8.94 1.61
CA GLY D 19 0.84 -8.89 3.07
C GLY D 19 -0.60 -9.10 3.58
N ASN D 20 -1.57 -8.72 2.73
CA ASN D 20 -2.95 -9.05 2.99
C ASN D 20 -3.11 -10.59 2.88
N LEU D 21 -2.61 -11.19 1.78
CA LEU D 21 -2.73 -12.63 1.62
C LEU D 21 -2.24 -13.30 2.90
N LEU D 22 -1.10 -12.84 3.42
CA LEU D 22 -0.49 -13.40 4.62
C LEU D 22 -1.45 -13.21 5.78
N ARG D 23 -1.93 -11.97 5.97
CA ARG D 23 -2.79 -11.66 7.11
C ARG D 23 -4.08 -12.47 6.99
N HIS D 24 -4.51 -12.75 5.75
CA HIS D 24 -5.72 -13.54 5.49
C HIS D 24 -5.53 -15.00 5.85
N ILE D 25 -4.50 -15.64 5.26
CA ILE D 25 -4.26 -17.05 5.47
C ILE D 25 -4.05 -17.30 6.97
N LYS D 26 -3.40 -16.35 7.63
CA LYS D 26 -3.16 -16.51 9.06
C LYS D 26 -4.50 -16.57 9.78
N LEU D 27 -5.55 -15.95 9.20
CA LEU D 27 -6.87 -15.92 9.84
C LEU D 27 -7.58 -17.27 9.69
N HIS D 28 -7.16 -18.07 8.70
CA HIS D 28 -7.62 -19.45 8.55
C HIS D 28 -7.17 -20.31 9.73
N SER D 29 -6.04 -19.93 10.37
CA SER D 29 -5.74 -20.32 11.76
C SER D 29 -6.65 -19.54 12.73
N PRO E 2 -1.28 12.39 25.28
CA PRO E 2 -2.12 11.27 25.77
C PRO E 2 -2.14 10.14 24.74
N SER E 3 -2.58 8.94 25.17
CA SER E 3 -3.01 7.90 24.25
C SER E 3 -4.54 7.77 24.30
N THR E 4 -5.25 8.87 24.61
CA THR E 4 -6.70 8.90 24.57
C THR E 4 -7.12 8.75 23.12
N SER E 5 -8.19 7.99 22.93
CA SER E 5 -8.52 7.45 21.61
C SER E 5 -9.64 8.24 20.97
N LEU E 6 -9.67 8.20 19.64
CA LEU E 6 -10.71 8.81 18.85
C LEU E 6 -11.53 7.67 18.25
N SER E 7 -12.86 7.74 18.44
CA SER E 7 -13.78 6.72 17.94
C SER E 7 -14.66 7.26 16.82
N CYS E 8 -15.30 6.32 16.08
CA CYS E 8 -16.39 6.62 15.17
C CYS E 8 -17.56 7.24 15.95
N LYS E 9 -17.87 8.50 15.64
CA LYS E 9 -18.99 9.20 16.26
C LYS E 9 -20.26 8.38 16.11
N GLN E 10 -20.51 7.83 14.93
CA GLN E 10 -21.83 7.28 14.62
C GLN E 10 -22.09 6.01 15.44
N CYS E 11 -21.12 5.09 15.52
CA CYS E 11 -21.32 3.80 16.18
C CYS E 11 -20.61 3.73 17.53
N GLN E 12 -19.44 4.35 17.61
CA GLN E 12 -18.70 4.49 18.86
C GLN E 12 -18.18 3.14 19.34
N GLU E 13 -18.13 2.12 18.46
CA GLU E 13 -17.77 0.79 18.92
C GLU E 13 -16.28 0.57 18.74
N THR E 14 -15.65 1.47 18.01
CA THR E 14 -14.31 1.21 17.54
C THR E 14 -13.43 2.44 17.71
N GLU E 15 -12.22 2.20 18.27
CA GLU E 15 -11.14 3.15 18.29
C GLU E 15 -10.49 3.20 16.91
N ILE E 16 -10.42 4.42 16.35
CA ILE E 16 -9.85 4.64 15.02
C ILE E 16 -8.39 5.04 15.15
N THR E 17 -8.11 5.95 16.09
CA THR E 17 -6.75 6.42 16.30
C THR E 17 -6.66 7.05 17.69
N THR E 18 -5.49 7.60 18.00
CA THR E 18 -5.22 8.19 19.29
C THR E 18 -4.54 9.51 19.02
N LYS E 19 -4.66 10.38 20.03
CA LYS E 19 -4.12 11.71 20.00
C LYS E 19 -2.62 11.68 19.79
N ASN E 20 -1.93 10.57 20.09
CA ASN E 20 -0.49 10.61 19.93
C ASN E 20 -0.12 10.17 18.51
N GLU E 21 -1.11 9.93 17.65
CA GLU E 21 -0.83 9.67 16.25
C GLU E 21 -0.75 10.98 15.49
N ILE E 22 -1.10 12.06 16.18
CA ILE E 22 -1.36 13.33 15.52
C ILE E 22 -0.04 13.94 15.09
N PHE E 23 -0.07 14.63 13.96
CA PHE E 23 1.10 15.36 13.51
C PHE E 23 0.63 16.46 12.56
N SER E 24 1.51 17.46 12.40
CA SER E 24 1.33 18.50 11.41
C SER E 24 2.04 18.06 10.13
N LEU E 25 1.25 17.78 9.08
CA LEU E 25 1.82 17.41 7.79
C LEU E 25 2.39 18.68 7.15
N SER E 26 1.56 19.73 7.11
CA SER E 26 2.01 21.10 6.91
C SER E 26 1.84 21.84 8.23
N LEU E 27 2.79 22.72 8.59
CA LEU E 27 2.63 23.54 9.80
C LEU E 27 1.43 24.48 9.60
N SER E 28 0.50 24.07 8.74
CA SER E 28 -0.89 24.48 8.74
C SER E 28 -1.58 24.03 10.04
N GLY E 29 -0.81 23.39 10.93
CA GLY E 29 -1.32 22.82 12.18
C GLY E 29 -1.73 21.37 11.96
N PRO E 30 -2.19 20.65 13.01
CA PRO E 30 -2.63 19.26 12.87
C PRO E 30 -4.02 19.12 12.24
N MET E 31 -4.90 20.10 12.50
CA MET E 31 -6.24 20.13 11.95
C MET E 31 -6.47 21.50 11.32
N ALA E 32 -6.89 21.50 10.06
CA ALA E 32 -7.27 22.73 9.39
C ALA E 32 -8.51 22.44 8.54
N ALA E 33 -9.19 23.50 8.10
CA ALA E 33 -10.36 23.39 7.23
C ALA E 33 -9.90 23.22 5.78
N TYR E 34 -10.48 22.23 5.08
CA TYR E 34 -10.16 21.97 3.68
C TYR E 34 -11.47 21.89 2.89
N VAL E 35 -11.47 22.46 1.68
CA VAL E 35 -12.68 22.58 0.88
C VAL E 35 -12.62 21.56 -0.23
N ASN E 36 -13.71 20.79 -0.37
CA ASN E 36 -13.73 19.70 -1.33
C ASN E 36 -14.11 20.33 -2.66
N PRO E 37 -14.12 19.58 -3.80
CA PRO E 37 -14.51 20.17 -5.08
C PRO E 37 -15.95 20.66 -5.13
N HIS E 38 -16.78 20.28 -4.16
CA HIS E 38 -18.21 20.56 -4.25
C HIS E 38 -18.65 21.47 -3.12
N GLY E 39 -17.70 22.02 -2.35
CA GLY E 39 -17.99 23.10 -1.41
C GLY E 39 -18.17 22.62 0.04
N TYR E 40 -17.95 21.32 0.32
CA TYR E 40 -17.94 20.81 1.68
C TYR E 40 -16.59 21.11 2.33
N VAL E 41 -16.64 21.68 3.53
CA VAL E 41 -15.44 21.97 4.30
C VAL E 41 -15.24 20.82 5.27
N HIS E 42 -14.04 20.22 5.24
CA HIS E 42 -13.63 19.17 6.16
C HIS E 42 -12.45 19.70 6.98
N GLU E 43 -12.68 19.81 8.30
CA GLU E 43 -11.61 19.93 9.25
C GLU E 43 -10.95 18.57 9.42
N THR E 44 -9.80 18.43 8.75
CA THR E 44 -9.18 17.15 8.57
C THR E 44 -7.99 17.05 9.52
N LEU E 45 -8.02 16.05 10.40
CA LEU E 45 -6.91 15.78 11.30
C LEU E 45 -5.98 14.76 10.66
N THR E 46 -4.66 15.07 10.65
CA THR E 46 -3.69 14.17 10.06
C THR E 46 -3.03 13.36 11.18
N VAL E 47 -3.05 12.02 11.02
CA VAL E 47 -2.51 11.10 11.99
C VAL E 47 -1.66 10.06 11.27
N TYR E 48 -0.66 9.49 11.96
CA TYR E 48 0.29 8.59 11.32
C TYR E 48 -0.40 7.25 11.06
N LYS E 49 -1.09 6.74 12.09
CA LYS E 49 -1.77 5.47 11.95
C LYS E 49 -3.24 5.57 12.34
N ALA E 50 -4.04 4.73 11.67
CA ALA E 50 -5.44 4.56 12.00
C ALA E 50 -5.78 3.09 11.84
N SER E 51 -6.81 2.63 12.55
CA SER E 51 -7.26 1.24 12.46
C SER E 51 -8.78 1.18 12.45
N ASN E 52 -9.31 0.00 12.06
CA ASN E 52 -10.74 -0.31 12.04
C ASN E 52 -11.45 0.49 10.96
N LEU E 53 -10.71 0.78 9.90
CA LEU E 53 -11.27 1.48 8.76
C LEU E 53 -11.18 0.56 7.56
N ASN E 54 -12.19 0.60 6.68
CA ASN E 54 -12.05 0.00 5.37
C ASN E 54 -11.98 1.10 4.34
N LEU E 55 -11.34 0.76 3.22
CA LEU E 55 -11.12 1.65 2.10
C LEU E 55 -12.15 1.36 1.01
N ILE E 56 -12.53 2.43 0.30
CA ILE E 56 -13.45 2.35 -0.82
C ILE E 56 -12.74 2.91 -2.05
N GLY E 57 -13.01 2.35 -3.23
CA GLY E 57 -12.44 2.85 -4.48
C GLY E 57 -10.93 2.65 -4.53
N ARG E 58 -10.26 3.24 -5.55
CA ARG E 58 -8.81 3.19 -5.65
C ARG E 58 -8.24 4.57 -5.37
N PRO E 59 -6.92 4.72 -5.10
CA PRO E 59 -6.36 6.00 -4.76
C PRO E 59 -6.51 7.04 -5.88
N SER E 60 -6.62 8.32 -5.52
CA SER E 60 -6.72 9.39 -6.48
C SER E 60 -5.95 10.61 -5.98
N THR E 61 -5.39 11.40 -6.90
CA THR E 61 -4.80 12.69 -6.63
C THR E 61 -5.77 13.84 -6.93
N GLU E 62 -6.97 13.52 -7.42
CA GLU E 62 -7.92 14.54 -7.84
C GLU E 62 -8.23 15.46 -6.67
N HIS E 63 -7.83 16.72 -6.78
CA HIS E 63 -8.18 17.72 -5.78
C HIS E 63 -7.56 17.33 -4.44
N SER E 64 -6.45 16.57 -4.45
CA SER E 64 -5.78 16.22 -3.21
C SER E 64 -5.39 17.49 -2.48
N TRP E 65 -5.60 17.49 -1.15
CA TRP E 65 -5.31 18.62 -0.27
C TRP E 65 -3.84 18.66 0.15
N PHE E 66 -3.11 17.57 -0.08
CA PHE E 66 -1.71 17.47 0.31
C PHE E 66 -0.95 17.03 -0.92
N PRO E 67 -0.36 17.99 -1.69
CA PRO E 67 0.27 17.69 -2.97
C PRO E 67 1.40 16.66 -2.87
N GLY E 68 1.31 15.62 -3.70
CA GLY E 68 2.24 14.50 -3.64
C GLY E 68 1.58 13.23 -3.10
N TYR E 69 0.40 13.38 -2.49
CA TYR E 69 -0.27 12.26 -1.85
C TYR E 69 -1.55 11.99 -2.64
N ALA E 70 -1.93 10.71 -2.71
CA ALA E 70 -3.23 10.35 -3.22
C ALA E 70 -4.15 10.02 -2.05
N TRP E 71 -5.47 10.20 -2.24
CA TRP E 71 -6.47 9.83 -1.27
C TRP E 71 -7.16 8.53 -1.68
N THR E 72 -7.60 7.79 -0.66
CA THR E 72 -8.53 6.69 -0.79
C THR E 72 -9.51 6.79 0.39
N VAL E 73 -10.82 6.68 0.09
CA VAL E 73 -11.87 6.95 1.05
C VAL E 73 -11.81 5.92 2.17
N ALA E 74 -12.03 6.36 3.41
CA ALA E 74 -11.84 5.48 4.56
C ALA E 74 -13.12 5.45 5.37
N GLN E 75 -13.68 4.25 5.59
CA GLN E 75 -14.91 4.19 6.35
C GLN E 75 -14.81 3.25 7.54
N CYS E 76 -15.68 3.48 8.54
CA CYS E 76 -15.80 2.65 9.73
C CYS E 76 -16.15 1.23 9.30
N LYS E 77 -15.40 0.24 9.79
CA LYS E 77 -15.63 -1.14 9.40
C LYS E 77 -16.93 -1.64 10.03
N ILE E 78 -17.39 -0.95 11.07
CA ILE E 78 -18.55 -1.41 11.81
C ILE E 78 -19.80 -0.80 11.18
N CYS E 79 -19.85 0.52 11.07
CA CYS E 79 -21.07 1.18 10.59
C CYS E 79 -20.97 1.71 9.17
N ALA E 80 -19.81 1.63 8.50
CA ALA E 80 -19.60 2.17 7.15
C ALA E 80 -19.68 3.71 7.06
N SER E 81 -19.81 4.44 8.18
CA SER E 81 -19.76 5.89 8.08
C SER E 81 -18.41 6.37 7.56
N HIS E 82 -18.47 7.49 6.81
CA HIS E 82 -17.28 8.09 6.23
C HIS E 82 -16.48 8.62 7.42
N ILE E 83 -15.18 8.29 7.49
CA ILE E 83 -14.34 8.76 8.59
C ILE E 83 -13.27 9.72 8.07
N GLY E 84 -12.67 9.40 6.93
CA GLY E 84 -11.62 10.27 6.45
C GLY E 84 -11.09 9.75 5.12
N TRP E 85 -9.78 9.82 4.94
CA TRP E 85 -9.08 9.28 3.77
C TRP E 85 -7.72 8.78 4.23
N LYS E 86 -7.20 7.78 3.52
CA LYS E 86 -5.81 7.35 3.66
C LYS E 86 -5.01 8.08 2.59
N PHE E 87 -3.95 8.77 3.00
CA PHE E 87 -3.08 9.49 2.07
C PHE E 87 -1.85 8.63 1.80
N THR E 88 -1.48 8.47 0.52
CA THR E 88 -0.38 7.59 0.10
C THR E 88 0.51 8.34 -0.89
N ALA E 89 1.78 8.54 -0.50
CA ALA E 89 2.72 9.23 -1.36
C ALA E 89 2.62 8.72 -2.79
N THR E 90 2.81 9.61 -3.77
CA THR E 90 2.92 9.24 -5.17
C THR E 90 4.37 9.28 -5.65
N LYS E 91 5.28 9.72 -4.75
CA LYS E 91 6.69 9.80 -5.04
C LYS E 91 7.50 9.21 -3.88
N LYS E 92 8.64 8.59 -4.25
CA LYS E 92 9.53 7.92 -3.31
C LYS E 92 10.03 8.84 -2.21
N ASP E 93 10.15 10.15 -2.49
CA ASP E 93 10.99 11.03 -1.71
C ASP E 93 10.17 11.73 -0.61
N MET E 94 8.91 11.36 -0.46
CA MET E 94 8.02 12.04 0.47
C MET E 94 8.12 11.38 1.83
N SER E 95 7.67 12.09 2.85
CA SER E 95 7.72 11.46 4.15
C SER E 95 6.73 12.09 5.12
N PRO E 96 5.83 11.32 5.75
CA PRO E 96 5.73 9.88 5.56
C PRO E 96 5.19 9.48 4.19
N GLN E 97 5.36 8.19 3.86
CA GLN E 97 4.79 7.56 2.68
C GLN E 97 3.29 7.35 2.82
N LYS E 98 2.81 7.28 4.06
CA LYS E 98 1.38 7.25 4.30
C LYS E 98 0.99 7.81 5.66
N PHE E 99 -0.16 8.46 5.65
CA PHE E 99 -0.86 8.88 6.86
C PHE E 99 -2.36 8.81 6.55
N TRP E 100 -3.16 9.22 7.53
CA TRP E 100 -4.60 9.30 7.35
C TRP E 100 -5.04 10.72 7.64
N GLY E 101 -6.13 11.13 6.99
CA GLY E 101 -6.73 12.43 7.20
C GLY E 101 -8.16 12.19 7.67
N LEU E 102 -8.40 12.32 8.97
CA LEU E 102 -9.68 11.97 9.58
C LEU E 102 -10.53 13.23 9.78
N THR E 103 -11.80 13.16 9.35
CA THR E 103 -12.67 14.33 9.34
C THR E 103 -13.34 14.51 10.70
N ARG E 104 -13.27 15.74 11.23
CA ARG E 104 -13.50 16.00 12.64
C ARG E 104 -14.88 15.54 13.11
N SER E 105 -15.87 15.91 12.31
CA SER E 105 -17.28 15.70 12.59
C SER E 105 -17.61 14.21 12.59
N ALA E 106 -16.65 13.40 12.14
CA ALA E 106 -16.78 11.94 12.09
C ALA E 106 -16.25 11.28 13.36
N LEU E 107 -15.55 12.02 14.24
CA LEU E 107 -14.94 11.39 15.41
C LEU E 107 -15.51 11.96 16.72
N LEU E 108 -15.48 11.11 17.75
CA LEU E 108 -15.63 11.45 19.15
C LEU E 108 -14.42 11.04 19.99
N PRO E 109 -14.04 11.85 21.02
CA PRO E 109 -14.67 13.14 21.28
C PRO E 109 -14.41 14.17 20.18
N THR E 110 -15.10 15.32 20.27
CA THR E 110 -14.87 16.42 19.34
C THR E 110 -13.52 17.04 19.66
N ILE E 111 -12.63 17.10 18.66
CA ILE E 111 -11.23 17.44 18.86
C ILE E 111 -11.08 18.97 18.66
N GLU F 3 -15.25 -0.69 -13.01
CA GLU F 3 -15.02 0.64 -12.38
C GLU F 3 -16.37 1.20 -11.88
N ARG F 4 -16.32 2.32 -11.14
CA ARG F 4 -17.35 2.69 -10.18
C ARG F 4 -17.88 4.07 -10.53
N PRO F 5 -19.05 4.16 -11.22
CA PRO F 5 -19.54 5.44 -11.74
C PRO F 5 -20.22 6.36 -10.71
N PHE F 6 -20.76 5.78 -9.63
CA PHE F 6 -21.56 6.55 -8.68
C PHE F 6 -20.64 7.17 -7.62
N HIS F 7 -20.48 8.50 -7.68
CA HIS F 7 -19.50 9.22 -6.86
C HIS F 7 -20.13 10.10 -5.79
N CYS F 8 -19.67 9.97 -4.54
CA CYS F 8 -20.20 10.78 -3.45
C CYS F 8 -19.58 12.16 -3.45
N ASN F 9 -20.40 13.21 -3.46
CA ASN F 9 -19.88 14.57 -3.51
C ASN F 9 -19.30 15.03 -2.17
N GLN F 10 -19.57 14.30 -1.08
CA GLN F 10 -19.15 14.77 0.24
C GLN F 10 -17.72 14.36 0.57
N CYS F 11 -17.25 13.28 -0.05
CA CYS F 11 -16.10 12.56 0.45
C CYS F 11 -15.35 11.84 -0.68
N GLY F 12 -16.04 11.58 -1.80
CA GLY F 12 -15.39 11.14 -3.03
C GLY F 12 -15.47 9.62 -3.21
N ALA F 13 -16.13 8.97 -2.26
CA ALA F 13 -16.57 7.60 -2.39
C ALA F 13 -17.13 7.34 -3.79
N SER F 14 -16.92 6.12 -4.26
CA SER F 14 -17.38 5.72 -5.57
C SER F 14 -17.97 4.33 -5.42
N PHE F 15 -19.02 4.04 -6.18
CA PHE F 15 -19.75 2.79 -6.02
C PHE F 15 -20.19 2.27 -7.38
N THR F 16 -20.38 0.95 -7.49
CA THR F 16 -20.89 0.35 -8.72
C THR F 16 -22.42 0.25 -8.64
N GLN F 17 -22.96 0.14 -7.42
CA GLN F 17 -24.39 -0.02 -7.21
C GLN F 17 -24.98 1.28 -6.66
N LYS F 18 -26.00 1.80 -7.33
CA LYS F 18 -26.57 3.08 -6.94
C LYS F 18 -27.07 2.97 -5.50
N GLY F 19 -27.54 1.79 -5.11
CA GLY F 19 -28.15 1.60 -3.80
C GLY F 19 -27.15 1.74 -2.65
N ASN F 20 -25.87 1.50 -2.98
CA ASN F 20 -24.80 1.72 -2.01
C ASN F 20 -24.58 3.23 -1.88
N LEU F 21 -24.46 3.95 -3.01
CA LEU F 21 -24.42 5.39 -2.96
C LEU F 21 -25.51 5.94 -2.04
N LEU F 22 -26.78 5.50 -2.24
CA LEU F 22 -27.91 5.98 -1.47
C LEU F 22 -27.70 5.66 0.01
N ARG F 23 -27.32 4.41 0.34
CA ARG F 23 -27.05 4.06 1.73
C ARG F 23 -25.88 4.93 2.23
N HIS F 24 -24.82 5.03 1.42
CA HIS F 24 -23.64 5.83 1.78
C HIS F 24 -24.09 7.25 2.12
N ILE F 25 -24.78 7.90 1.17
CA ILE F 25 -25.09 9.32 1.30
C ILE F 25 -25.93 9.53 2.55
N LYS F 26 -26.83 8.59 2.84
CA LYS F 26 -27.72 8.69 3.98
C LYS F 26 -26.92 8.66 5.29
N LEU F 27 -25.80 7.92 5.32
CA LEU F 27 -24.94 7.84 6.51
C LEU F 27 -24.31 9.19 6.86
N HIS F 28 -24.08 10.04 5.86
CA HIS F 28 -23.57 11.40 6.09
C HIS F 28 -24.53 12.26 6.91
N SER F 29 -25.84 11.97 6.83
CA SER F 29 -26.82 12.41 7.81
C SER F 29 -26.34 12.04 9.22
N PRO G 2 28.63 19.47 -35.36
CA PRO G 2 27.49 19.47 -36.33
C PRO G 2 26.17 19.72 -35.59
N SER G 3 25.19 20.27 -36.31
CA SER G 3 23.80 20.21 -35.89
C SER G 3 23.09 19.13 -36.69
N THR G 4 23.78 18.01 -36.90
CA THR G 4 23.18 16.81 -37.44
C THR G 4 22.29 16.19 -36.37
N SER G 5 21.13 15.72 -36.83
CA SER G 5 20.01 15.50 -35.96
C SER G 5 19.93 14.03 -35.58
N LEU G 6 19.25 13.79 -34.46
CA LEU G 6 18.91 12.46 -34.01
C LEU G 6 17.39 12.36 -34.02
N SER G 7 16.88 11.36 -34.73
CA SER G 7 15.43 11.22 -34.90
C SER G 7 14.93 9.99 -34.15
N CYS G 8 13.63 10.02 -33.86
CA CYS G 8 12.84 8.83 -33.57
C CYS G 8 13.12 7.76 -34.62
N LYS G 9 13.68 6.63 -34.18
CA LYS G 9 13.96 5.52 -35.06
C LYS G 9 12.67 5.08 -35.74
N GLN G 10 11.57 5.03 -34.98
CA GLN G 10 10.37 4.35 -35.40
C GLN G 10 9.68 5.13 -36.53
N CYS G 11 9.41 6.43 -36.29
CA CYS G 11 8.63 7.20 -37.24
C CYS G 11 9.55 7.97 -38.19
N GLN G 12 10.73 8.34 -37.70
CA GLN G 12 11.73 9.03 -38.49
C GLN G 12 11.21 10.36 -39.05
N GLU G 13 10.03 10.79 -38.57
CA GLU G 13 9.42 12.03 -39.03
C GLU G 13 9.95 13.21 -38.22
N THR G 14 10.52 12.95 -37.04
CA THR G 14 10.79 14.03 -36.11
C THR G 14 12.22 13.95 -35.59
N GLU G 15 12.93 15.09 -35.68
CA GLU G 15 14.16 15.31 -34.95
C GLU G 15 13.88 15.34 -33.43
N ILE G 16 14.66 14.59 -32.66
CA ILE G 16 14.53 14.62 -31.21
C ILE G 16 15.57 15.59 -30.63
N THR G 17 16.83 15.51 -31.11
CA THR G 17 17.87 16.42 -30.65
C THR G 17 18.95 16.53 -31.74
N THR G 18 19.97 17.35 -31.48
CA THR G 18 21.12 17.43 -32.37
C THR G 18 22.36 17.02 -31.58
N LYS G 19 23.41 16.65 -32.31
CA LYS G 19 24.68 16.24 -31.74
C LYS G 19 25.31 17.36 -30.90
N ASN G 20 25.10 18.64 -31.26
CA ASN G 20 25.67 19.75 -30.52
C ASN G 20 24.97 19.93 -29.17
N GLU G 21 23.93 19.14 -28.86
CA GLU G 21 23.30 19.18 -27.56
C GLU G 21 24.01 18.24 -26.58
N ILE G 22 24.87 17.37 -27.10
CA ILE G 22 25.41 16.29 -26.31
C ILE G 22 26.41 16.83 -25.30
N PHE G 23 26.41 16.23 -24.11
CA PHE G 23 27.38 16.57 -23.08
C PHE G 23 27.50 15.39 -22.13
N SER G 24 28.64 15.32 -21.43
CA SER G 24 28.85 14.30 -20.41
C SER G 24 28.36 14.82 -19.06
N LEU G 25 27.21 14.32 -18.60
CA LEU G 25 26.69 14.67 -17.28
C LEU G 25 27.49 13.95 -16.20
N SER G 26 27.66 12.63 -16.42
CA SER G 26 28.64 11.83 -15.70
C SER G 26 29.88 11.75 -16.57
N LEU G 27 31.06 11.94 -15.95
CA LEU G 27 32.31 11.73 -16.65
C LEU G 27 32.42 10.26 -17.11
N SER G 28 31.29 9.52 -17.09
CA SER G 28 31.14 8.22 -17.73
C SER G 28 31.10 8.34 -19.26
N GLY G 29 31.41 9.53 -19.78
CA GLY G 29 31.23 9.85 -21.20
C GLY G 29 29.82 10.35 -21.47
N PRO G 30 29.49 10.66 -22.74
CA PRO G 30 28.17 11.17 -23.10
C PRO G 30 27.05 10.12 -23.10
N MET G 31 27.42 8.87 -23.39
CA MET G 31 26.50 7.74 -23.44
C MET G 31 27.13 6.60 -22.65
N ALA G 32 26.44 6.11 -21.62
CA ALA G 32 26.88 4.88 -20.98
C ALA G 32 25.71 3.89 -20.93
N ALA G 33 26.03 2.63 -20.57
CA ALA G 33 25.04 1.61 -20.30
C ALA G 33 24.58 1.71 -18.85
N TYR G 34 23.24 1.86 -18.68
CA TYR G 34 22.58 1.91 -17.38
C TYR G 34 21.58 0.75 -17.30
N VAL G 35 21.48 0.13 -16.10
CA VAL G 35 20.60 -1.00 -15.85
C VAL G 35 19.34 -0.52 -15.12
N ASN G 36 18.16 -0.89 -15.63
CA ASN G 36 16.92 -0.48 -14.98
C ASN G 36 16.65 -1.48 -13.85
N PRO G 37 15.62 -1.27 -12.97
CA PRO G 37 15.36 -2.20 -11.86
C PRO G 37 14.88 -3.60 -12.29
N HIS G 38 14.61 -3.80 -13.60
CA HIS G 38 14.14 -5.10 -14.04
C HIS G 38 15.16 -5.76 -15.00
N GLY G 39 16.32 -5.13 -15.23
CA GLY G 39 17.44 -5.78 -15.88
C GLY G 39 17.68 -5.28 -17.33
N TYR G 40 16.89 -4.32 -17.79
CA TYR G 40 17.03 -3.73 -19.12
C TYR G 40 18.16 -2.69 -19.08
N VAL G 41 19.02 -2.82 -20.07
CA VAL G 41 20.19 -1.98 -20.21
C VAL G 41 19.89 -0.92 -21.23
N HIS G 42 20.06 0.33 -20.80
CA HIS G 42 19.81 1.48 -21.64
C HIS G 42 21.11 2.27 -21.76
N GLU G 43 21.66 2.24 -22.98
CA GLU G 43 22.72 3.15 -23.31
C GLU G 43 22.09 4.54 -23.44
N THR G 44 22.37 5.39 -22.47
CA THR G 44 21.59 6.59 -22.31
C THR G 44 22.48 7.81 -22.58
N LEU G 45 22.20 8.46 -23.71
CA LEU G 45 22.92 9.63 -24.14
C LEU G 45 22.32 10.87 -23.48
N THR G 46 23.18 11.77 -22.98
CA THR G 46 22.69 12.93 -22.27
C THR G 46 22.87 14.19 -23.12
N VAL G 47 21.73 14.91 -23.32
CA VAL G 47 21.66 16.08 -24.16
C VAL G 47 20.93 17.19 -23.40
N TYR G 48 21.33 18.44 -23.64
CA TYR G 48 20.81 19.57 -22.88
C TYR G 48 19.37 19.82 -23.31
N LYS G 49 19.13 19.91 -24.63
CA LYS G 49 17.78 20.13 -25.11
C LYS G 49 17.32 19.02 -26.05
N ALA G 50 16.01 18.77 -26.03
CA ALA G 50 15.35 17.89 -26.97
C ALA G 50 14.05 18.56 -27.41
N SER G 51 13.28 17.91 -28.29
CA SER G 51 12.01 18.45 -28.71
C SER G 51 11.17 17.33 -29.28
N ASN G 52 9.89 17.64 -29.53
CA ASN G 52 8.92 16.74 -30.14
C ASN G 52 8.75 15.50 -29.29
N LEU G 53 8.94 15.69 -27.99
CA LEU G 53 8.82 14.62 -27.02
C LEU G 53 7.65 14.97 -26.12
N ASN G 54 6.83 13.97 -25.76
CA ASN G 54 5.86 14.15 -24.71
C ASN G 54 6.17 13.32 -23.48
N LEU G 55 5.71 13.84 -22.33
CA LEU G 55 6.02 13.29 -21.02
C LEU G 55 4.86 12.45 -20.50
N ILE G 56 5.21 11.43 -19.71
CA ILE G 56 4.28 10.46 -19.16
C ILE G 56 4.53 10.45 -17.66
N GLY G 57 3.46 10.57 -16.88
CA GLY G 57 3.54 10.46 -15.44
C GLY G 57 3.99 11.78 -14.82
N ARG G 58 4.37 11.72 -13.55
CA ARG G 58 5.05 12.83 -12.91
C ARG G 58 6.51 12.43 -12.69
N PRO G 59 7.39 13.38 -12.36
CA PRO G 59 8.78 13.06 -12.11
C PRO G 59 8.93 12.11 -10.93
N SER G 60 9.91 11.18 -11.04
CA SER G 60 10.20 10.19 -10.00
C SER G 60 11.70 10.12 -9.77
N THR G 61 12.12 9.82 -8.53
CA THR G 61 13.53 9.67 -8.19
C THR G 61 13.90 8.19 -8.06
N GLU G 62 12.89 7.31 -8.06
CA GLU G 62 13.11 5.88 -7.83
C GLU G 62 14.14 5.34 -8.82
N HIS G 63 15.24 4.79 -8.28
CA HIS G 63 16.25 4.12 -9.09
C HIS G 63 16.77 5.08 -10.14
N SER G 64 16.79 6.38 -9.80
CA SER G 64 17.36 7.40 -10.67
C SER G 64 18.83 7.05 -10.94
N TRP G 65 19.27 7.19 -12.18
CA TRP G 65 20.64 6.88 -12.58
C TRP G 65 21.53 8.09 -12.26
N PHE G 66 20.94 9.28 -12.22
CA PHE G 66 21.70 10.49 -11.94
C PHE G 66 21.27 11.04 -10.60
N PRO G 67 21.86 10.60 -9.46
CA PRO G 67 21.33 10.98 -8.16
C PRO G 67 21.24 12.51 -8.02
N GLY G 68 20.08 12.98 -7.55
CA GLY G 68 19.82 14.40 -7.46
C GLY G 68 18.87 14.83 -8.56
N TYR G 69 18.67 13.95 -9.54
CA TYR G 69 17.72 14.19 -10.61
C TYR G 69 16.56 13.24 -10.49
N ALA G 70 15.39 13.67 -10.97
CA ALA G 70 14.23 12.83 -11.12
C ALA G 70 13.92 12.66 -12.61
N TRP G 71 13.42 11.47 -12.96
CA TRP G 71 13.11 11.10 -14.32
C TRP G 71 11.60 11.19 -14.56
N THR G 72 11.25 11.57 -15.80
CA THR G 72 9.92 11.42 -16.32
C THR G 72 10.05 10.82 -17.72
N VAL G 73 9.31 9.74 -17.98
CA VAL G 73 9.37 9.04 -19.25
C VAL G 73 9.04 10.02 -20.37
N ALA G 74 9.71 9.86 -21.53
CA ALA G 74 9.54 10.79 -22.64
C ALA G 74 9.34 10.01 -23.92
N GLN G 75 8.30 10.36 -24.68
CA GLN G 75 7.97 9.59 -25.86
C GLN G 75 7.76 10.53 -27.05
N CYS G 76 7.90 9.96 -28.24
CA CYS G 76 7.72 10.67 -29.48
C CYS G 76 6.28 11.19 -29.53
N LYS G 77 6.13 12.50 -29.72
CA LYS G 77 4.81 13.10 -29.78
C LYS G 77 4.01 12.55 -30.96
N ILE G 78 4.70 12.13 -32.03
CA ILE G 78 4.07 11.60 -33.22
C ILE G 78 3.68 10.12 -33.07
N CYS G 79 4.61 9.22 -32.70
CA CYS G 79 4.33 7.78 -32.78
C CYS G 79 4.17 7.16 -31.40
N ALA G 80 4.44 7.93 -30.33
CA ALA G 80 4.38 7.49 -28.94
C ALA G 80 5.52 6.53 -28.56
N SER G 81 6.47 6.22 -29.46
CA SER G 81 7.54 5.31 -29.03
C SER G 81 8.31 5.91 -27.86
N HIS G 82 8.85 5.02 -27.04
CA HIS G 82 9.67 5.40 -25.91
C HIS G 82 11.03 5.85 -26.41
N ILE G 83 11.40 7.10 -26.07
CA ILE G 83 12.65 7.70 -26.52
C ILE G 83 13.62 7.79 -25.35
N GLY G 84 13.12 8.05 -24.13
CA GLY G 84 14.01 8.21 -23.00
C GLY G 84 13.33 8.89 -21.82
N TRP G 85 14.06 9.75 -21.12
CA TRP G 85 13.57 10.41 -19.93
C TRP G 85 13.99 11.88 -19.92
N LYS G 86 13.14 12.71 -19.35
CA LYS G 86 13.54 14.05 -18.95
C LYS G 86 14.07 13.95 -17.52
N PHE G 87 15.25 14.53 -17.27
CA PHE G 87 15.80 14.57 -15.93
C PHE G 87 15.66 15.99 -15.41
N THR G 88 15.24 16.11 -14.14
CA THR G 88 14.96 17.40 -13.51
C THR G 88 15.51 17.36 -12.10
N ALA G 89 16.27 18.38 -11.74
CA ALA G 89 17.02 18.32 -10.51
C ALA G 89 16.05 18.38 -9.33
N THR G 90 16.43 17.81 -8.20
CA THR G 90 15.60 17.87 -7.00
C THR G 90 16.24 18.80 -5.97
N LYS G 91 17.28 19.53 -6.39
CA LYS G 91 18.05 20.39 -5.51
C LYS G 91 18.45 21.66 -6.29
N LYS G 92 18.68 22.75 -5.56
CA LYS G 92 18.99 24.05 -6.13
C LYS G 92 20.33 24.03 -6.84
N ASP G 93 21.28 23.27 -6.30
CA ASP G 93 22.70 23.39 -6.62
C ASP G 93 23.09 22.59 -7.87
N MET G 94 22.17 21.84 -8.45
CA MET G 94 22.53 20.89 -9.48
C MET G 94 22.52 21.57 -10.83
N SER G 95 23.41 21.11 -11.70
CA SER G 95 23.64 21.86 -12.91
C SER G 95 23.98 20.94 -14.09
N PRO G 96 23.18 20.85 -15.18
CA PRO G 96 22.01 21.67 -15.39
C PRO G 96 20.83 21.24 -14.55
N GLN G 97 19.80 22.12 -14.48
CA GLN G 97 18.59 21.82 -13.77
C GLN G 97 17.83 20.71 -14.49
N LYS G 98 17.90 20.76 -15.81
CA LYS G 98 17.24 19.75 -16.61
C LYS G 98 18.13 19.38 -17.78
N PHE G 99 17.98 18.13 -18.17
CA PHE G 99 18.55 17.58 -19.38
C PHE G 99 17.65 16.41 -19.76
N TRP G 100 18.04 15.72 -20.83
CA TRP G 100 17.34 14.53 -21.28
C TRP G 100 18.34 13.40 -21.34
N GLY G 101 17.85 12.16 -21.18
CA GLY G 101 18.64 10.98 -21.39
C GLY G 101 17.95 10.12 -22.44
N LEU G 102 18.52 10.12 -23.63
CA LEU G 102 17.86 9.50 -24.76
C LEU G 102 18.43 8.09 -24.94
N THR G 103 17.54 7.10 -25.07
CA THR G 103 17.95 5.71 -25.14
C THR G 103 18.39 5.39 -26.57
N ARG G 104 19.63 4.89 -26.67
CA ARG G 104 20.33 4.70 -27.94
C ARG G 104 19.48 4.03 -29.02
N SER G 105 18.79 2.95 -28.65
CA SER G 105 18.18 2.09 -29.67
C SER G 105 16.88 2.71 -30.13
N ALA G 106 16.52 3.87 -29.54
CA ALA G 106 15.30 4.57 -29.92
C ALA G 106 15.57 5.54 -31.07
N LEU G 107 16.83 5.82 -31.37
CA LEU G 107 17.20 6.92 -32.25
C LEU G 107 17.83 6.43 -33.54
N LEU G 108 17.69 7.24 -34.59
CA LEU G 108 18.53 7.17 -35.77
C LEU G 108 19.28 8.49 -36.04
N PRO G 109 20.48 8.43 -36.63
CA PRO G 109 21.19 7.19 -36.91
C PRO G 109 21.77 6.56 -35.64
N THR G 110 22.37 5.37 -35.77
CA THR G 110 22.95 4.71 -34.60
C THR G 110 24.18 5.49 -34.17
N ILE G 111 24.23 5.82 -32.86
CA ILE G 111 25.26 6.68 -32.26
C ILE G 111 26.32 5.76 -31.62
N GLU H 3 -3.20 7.75 -8.13
CA GLU H 3 -1.88 7.12 -8.40
C GLU H 3 -2.06 6.02 -9.46
N ARG H 4 -0.93 5.66 -10.08
CA ARG H 4 -0.93 4.96 -11.35
C ARG H 4 -0.27 3.61 -11.11
N PRO H 5 -1.05 2.55 -10.87
CA PRO H 5 -0.50 1.25 -10.48
C PRO H 5 0.13 0.46 -11.64
N PHE H 6 -0.30 0.72 -12.87
CA PHE H 6 0.18 -0.09 -13.98
C PHE H 6 1.51 0.45 -14.48
N HIS H 7 2.60 -0.28 -14.18
CA HIS H 7 3.96 0.13 -14.45
C HIS H 7 4.58 -0.64 -15.63
N CYS H 8 5.35 0.07 -16.46
CA CYS H 8 6.16 -0.56 -17.50
C CYS H 8 7.52 -1.01 -16.94
N ASN H 9 7.89 -2.27 -17.11
CA ASN H 9 9.17 -2.76 -16.59
C ASN H 9 10.36 -2.35 -17.44
N GLN H 10 10.11 -1.77 -18.64
CA GLN H 10 11.20 -1.45 -19.55
C GLN H 10 11.71 -0.03 -19.34
N CYS H 11 10.85 0.89 -18.86
CA CYS H 11 11.16 2.31 -18.85
C CYS H 11 10.61 3.07 -17.65
N GLY H 12 9.63 2.50 -16.94
CA GLY H 12 9.16 3.06 -15.68
C GLY H 12 7.83 3.83 -15.82
N ALA H 13 7.34 3.94 -17.06
CA ALA H 13 6.02 4.50 -17.33
C ALA H 13 4.95 3.80 -16.49
N SER H 14 4.09 4.63 -15.89
CA SER H 14 2.98 4.21 -15.05
C SER H 14 1.69 4.75 -15.66
N PHE H 15 0.62 3.97 -15.59
CA PHE H 15 -0.67 4.38 -16.11
C PHE H 15 -1.77 4.11 -15.10
N THR H 16 -2.93 4.71 -15.35
CA THR H 16 -4.10 4.49 -14.52
C THR H 16 -5.01 3.47 -15.20
N GLN H 17 -4.94 3.41 -16.54
CA GLN H 17 -5.69 2.44 -17.32
C GLN H 17 -4.77 1.30 -17.77
N LYS H 18 -5.09 0.07 -17.36
CA LYS H 18 -4.37 -1.11 -17.80
C LYS H 18 -4.26 -1.09 -19.33
N GLY H 19 -5.27 -0.52 -20.00
CA GLY H 19 -5.32 -0.47 -21.45
C GLY H 19 -4.21 0.39 -22.04
N ASN H 20 -3.78 1.40 -21.27
CA ASN H 20 -2.67 2.26 -21.70
C ASN H 20 -1.36 1.50 -21.55
N LEU H 21 -1.16 0.85 -20.40
CA LEU H 21 -0.03 -0.05 -20.22
C LEU H 21 0.14 -0.90 -21.48
N LEU H 22 -0.92 -1.60 -21.90
CA LEU H 22 -0.92 -2.51 -23.05
C LEU H 22 -0.45 -1.77 -24.30
N ARG H 23 -1.08 -0.61 -24.58
CA ARG H 23 -0.69 0.14 -25.76
C ARG H 23 0.82 0.37 -25.68
N HIS H 24 1.28 0.81 -24.50
CA HIS H 24 2.63 1.30 -24.31
C HIS H 24 3.67 0.19 -24.41
N ILE H 25 3.35 -0.97 -23.83
CA ILE H 25 4.27 -2.10 -23.89
C ILE H 25 4.40 -2.54 -25.34
N LYS H 26 3.30 -2.50 -26.10
CA LYS H 26 3.34 -2.98 -27.47
C LYS H 26 4.29 -2.10 -28.26
N LEU H 27 4.30 -0.79 -27.98
CA LEU H 27 5.20 0.15 -28.65
C LEU H 27 6.69 -0.19 -28.44
N HIS H 28 7.06 -0.82 -27.31
CA HIS H 28 8.44 -1.23 -27.10
C HIS H 28 8.87 -2.30 -28.11
N SER H 29 7.95 -3.16 -28.61
CA SER H 29 8.21 -3.91 -29.84
C SER H 29 8.63 -2.93 -30.95
#